data_6HVH
#
_entry.id   6HVH
#
_cell.length_a   103.060
_cell.length_b   103.060
_cell.length_c   254.825
_cell.angle_alpha   90.000
_cell.angle_beta   90.000
_cell.angle_gamma   120.000
#
_symmetry.space_group_name_H-M   'P 65 2 2'
#
loop_
_entity.id
_entity.type
_entity.pdbx_description
1 polymer '6-phosphofructo-2-kinase/fructose-2,6-bisphosphatase 3'
2 non-polymer 3-[[8-(1-methylindol-6-yl)quinoxalin-6-yl]amino]-~{N}-(oxan-4-yl)pyridine-4-carboxamide
3 non-polymer 'PYROPHOSPHATE 2-'
4 non-polymer 'CITRATE ANION'
5 non-polymer 6-O-phosphono-beta-D-fructofuranose
6 water water
#
_entity_poly.entity_id   1
_entity_poly.type   'polypeptide(L)'
_entity_poly.pdbx_seq_one_letter_code
;MPLELTQSRVQKIWVPVDHRPSLPRSCGPKLTNSPTVIVMVGLPARGKTYISKKLTRYLNWIGVPTKVFNVGEYRREAVK
QYSSYNFFRPDNEEAMKVRKQCALAALRDVKSYLAKEGGQIAVFDATNTTRERRHMILHFAKENDFKAFFIESVCDDPTV
VASNIMEVKISSPDYKDCNSAEAMDDFMKRISCYEASYQPLDPDKCDRDLSLIKVIDVGRRFLVNRVQDHIQSRIVYYLM
NIHVQPRTIYLCRHGENEHNLQGRIGGDSGLSSRGKKFASALSKFVEEQNLKDLRVWTSQLKSTIQTAEALRLPYEQWKA
LNEIDAGVCEELTYEEIRDTYPEEYALREQDKYYYRYPTGESYQDLVQRLEPVIMELERQENVLVICHQAVLRCLLAYFL
DKSAEEMPYLKCPLHTVLKLTPVAYGCRVESIYLNVESVCTHRERSEDAKKGPNPLMRRNSVTPLASPEPTKKPRINSFE
EHVASTSAALPSCLPPEVPTQLPGQNMKGSRSSADSSRKH
;
_entity_poly.pdbx_strand_id   A
#
# COMPACT_ATOMS: atom_id res chain seq x y z
N GLU A 4 16.02 38.28 -1.25
CA GLU A 4 15.28 37.66 -2.37
C GLU A 4 14.93 36.18 -2.07
N LEU A 5 13.96 35.66 -2.82
CA LEU A 5 13.60 34.24 -2.83
C LEU A 5 13.73 33.78 -4.26
N THR A 6 14.17 32.53 -4.43
CA THR A 6 14.24 31.92 -5.76
C THR A 6 13.34 30.66 -5.83
N GLN A 7 12.73 30.44 -6.99
CA GLN A 7 11.87 29.28 -7.17
C GLN A 7 12.64 28.07 -7.74
N SER A 8 12.79 27.04 -6.92
CA SER A 8 13.50 25.82 -7.31
C SER A 8 12.96 25.29 -8.64
N ARG A 9 13.83 24.71 -9.45
CA ARG A 9 13.43 24.34 -10.82
C ARG A 9 12.45 23.16 -10.95
N VAL A 10 12.63 22.05 -10.20
CA VAL A 10 11.74 20.90 -10.45
C VAL A 10 10.38 21.09 -9.75
N GLN A 11 10.39 21.27 -8.42
CA GLN A 11 9.16 21.32 -7.63
C GLN A 11 8.44 22.70 -7.59
N LYS A 12 9.11 23.76 -8.02
CA LYS A 12 8.47 25.09 -8.07
C LYS A 12 8.26 25.69 -6.66
N ILE A 13 9.13 25.30 -5.73
CA ILE A 13 9.06 25.72 -4.34
C ILE A 13 9.96 26.94 -4.12
N TRP A 14 9.37 28.05 -3.64
CA TRP A 14 10.14 29.26 -3.32
C TRP A 14 11.03 29.05 -2.08
N VAL A 15 12.34 29.22 -2.27
CA VAL A 15 13.33 29.01 -1.19
C VAL A 15 14.24 30.23 -1.05
N PRO A 16 14.76 30.46 0.17
CA PRO A 16 15.73 31.56 0.42
C PRO A 16 17.02 31.38 -0.39
N VAL A 17 17.48 32.44 -1.07
CA VAL A 17 18.71 32.38 -1.89
C VAL A 17 19.96 31.97 -1.08
N ASP A 18 20.84 31.19 -1.72
CA ASP A 18 22.11 30.71 -1.08
C ASP A 18 22.93 31.87 -0.46
N HIS A 19 23.55 32.69 -1.31
CA HIS A 19 24.29 33.90 -0.88
C HIS A 19 24.92 33.74 0.50
N ASN A 33 11.16 15.39 13.86
CA ASN A 33 10.51 14.63 14.94
C ASN A 33 10.79 13.12 14.86
N SER A 34 10.70 12.45 16.02
CA SER A 34 11.24 11.10 16.18
C SER A 34 10.69 10.03 15.20
N PRO A 35 11.60 9.17 14.72
CA PRO A 35 11.22 7.98 14.04
C PRO A 35 10.41 7.13 14.96
N THR A 36 9.63 6.21 14.40
CA THR A 36 8.80 5.35 15.21
C THR A 36 9.06 3.88 14.93
N VAL A 37 9.16 3.11 15.99
CA VAL A 37 9.13 1.66 15.85
C VAL A 37 7.73 1.20 16.18
N ILE A 38 7.08 0.58 15.21
CA ILE A 38 5.80 -0.09 15.38
C ILE A 38 6.05 -1.55 15.78
N VAL A 39 5.51 -1.95 16.91
CA VAL A 39 5.77 -3.28 17.44
C VAL A 39 4.53 -4.11 17.30
N MET A 40 4.59 -5.11 16.42
CA MET A 40 3.49 -6.04 16.28
C MET A 40 3.49 -6.97 17.48
N VAL A 41 2.31 -7.42 17.88
CA VAL A 41 2.16 -8.26 19.02
C VAL A 41 1.02 -9.23 18.77
N GLY A 42 1.25 -10.50 19.15
CA GLY A 42 0.22 -11.52 19.07
C GLY A 42 0.71 -12.93 18.74
N LEU A 43 -0.15 -13.90 18.95
CA LEU A 43 0.18 -15.28 18.64
C LEU A 43 0.38 -15.46 17.15
N PRO A 44 0.96 -16.59 16.76
CA PRO A 44 1.16 -16.78 15.35
C PRO A 44 -0.15 -16.98 14.62
N ALA A 45 -0.17 -16.59 13.35
CA ALA A 45 -1.39 -16.66 12.53
C ALA A 45 -2.50 -15.74 13.02
N ARG A 46 -2.15 -14.53 13.40
CA ARG A 46 -3.15 -13.52 13.79
C ARG A 46 -3.17 -12.33 12.84
N GLY A 47 -2.51 -12.47 11.70
CA GLY A 47 -2.48 -11.44 10.69
C GLY A 47 -1.44 -10.39 10.92
N LYS A 48 -0.49 -10.65 11.83
CA LYS A 48 0.46 -9.60 12.13
C LYS A 48 1.26 -9.21 10.89
N THR A 49 1.63 -10.20 10.08
CA THR A 49 2.43 -9.94 8.91
C THR A 49 1.61 -9.36 7.76
N TYR A 50 0.36 -9.80 7.63
CA TYR A 50 -0.59 -9.25 6.69
C TYR A 50 -0.74 -7.74 6.91
N ILE A 51 -1.03 -7.37 8.15
CA ILE A 51 -1.11 -5.99 8.55
C ILE A 51 0.23 -5.27 8.40
N SER A 52 1.34 -5.88 8.83
CA SER A 52 2.62 -5.20 8.73
C SER A 52 2.83 -4.74 7.29
N LYS A 53 2.62 -5.65 6.35
CA LYS A 53 2.90 -5.39 4.96
C LYS A 53 2.00 -4.34 4.35
N LYS A 54 0.71 -4.47 4.61
CA LYS A 54 -0.29 -3.59 4.03
C LYS A 54 -0.12 -2.13 4.48
N LEU A 55 0.11 -1.99 5.77
CA LEU A 55 0.41 -0.73 6.43
C LEU A 55 1.64 -0.08 5.89
N THR A 56 2.66 -0.90 5.67
CA THR A 56 3.92 -0.40 5.14
C THR A 56 3.71 0.09 3.70
N ARG A 57 2.83 -0.59 3.00
CA ARG A 57 2.48 -0.21 1.62
CA ARG A 57 2.46 -0.24 1.62
C ARG A 57 1.74 1.12 1.59
N TYR A 58 0.83 1.32 2.54
CA TYR A 58 0.10 2.58 2.63
C TYR A 58 1.07 3.69 3.02
N LEU A 59 1.87 3.47 4.05
CA LEU A 59 2.77 4.52 4.55
C LEU A 59 3.76 4.99 3.51
N ASN A 60 4.40 4.03 2.82
CA ASN A 60 5.34 4.42 1.78
C ASN A 60 4.65 5.18 0.68
N TRP A 61 3.48 4.75 0.27
CA TRP A 61 2.82 5.43 -0.83
C TRP A 61 2.46 6.88 -0.44
N ILE A 62 1.96 7.14 0.78
CA ILE A 62 1.73 8.54 1.21
C ILE A 62 3.04 9.29 1.49
N GLY A 63 4.18 8.63 1.33
CA GLY A 63 5.49 9.32 1.45
C GLY A 63 6.17 9.27 2.80
N VAL A 64 5.71 8.42 3.70
CA VAL A 64 6.44 8.12 4.94
C VAL A 64 7.30 6.84 4.74
N PRO A 65 8.62 6.98 4.61
CA PRO A 65 9.47 5.79 4.41
C PRO A 65 9.38 4.77 5.55
N THR A 66 8.97 3.57 5.19
CA THR A 66 8.63 2.57 6.16
C THR A 66 9.13 1.22 5.69
N LYS A 67 9.60 0.40 6.63
CA LYS A 67 10.15 -0.90 6.25
C LYS A 67 9.83 -1.91 7.29
N VAL A 68 9.55 -3.12 6.84
CA VAL A 68 9.26 -4.22 7.73
C VAL A 68 10.51 -5.03 8.08
N PHE A 69 10.68 -5.31 9.36
CA PHE A 69 11.74 -6.16 9.85
C PHE A 69 11.03 -7.35 10.48
N ASN A 70 10.95 -8.43 9.71
CA ASN A 70 10.31 -9.65 10.14
C ASN A 70 11.33 -10.56 10.79
N VAL A 71 11.20 -10.76 12.10
CA VAL A 71 12.19 -11.56 12.81
C VAL A 71 12.25 -13.02 12.29
N GLY A 72 11.12 -13.54 11.87
CA GLY A 72 11.05 -14.84 11.26
C GLY A 72 12.00 -15.02 10.08
N GLU A 73 12.19 -13.96 9.30
CA GLU A 73 13.06 -14.04 8.13
C GLU A 73 14.51 -14.07 8.56
N TYR A 74 14.80 -13.45 9.70
CA TYR A 74 16.14 -13.54 10.27
C TYR A 74 16.42 -14.97 10.76
N ARG A 75 15.44 -15.56 11.43
CA ARG A 75 15.57 -16.92 11.99
C ARG A 75 15.75 -17.93 10.86
N ARG A 76 15.11 -17.67 9.73
CA ARG A 76 15.14 -18.57 8.60
C ARG A 76 16.50 -18.48 7.90
N GLU A 77 17.16 -17.34 8.03
CA GLU A 77 18.47 -17.14 7.46
C GLU A 77 19.55 -17.71 8.41
N ALA A 78 19.30 -17.74 9.70
CA ALA A 78 20.35 -18.12 10.66
C ALA A 78 20.39 -19.63 10.90
N VAL A 79 19.35 -20.32 10.46
CA VAL A 79 19.15 -21.68 10.80
C VAL A 79 18.77 -22.53 9.58
N LYS A 80 19.45 -23.69 9.50
CA LYS A 80 19.15 -24.73 8.52
C LYS A 80 17.66 -24.97 8.44
N GLN A 81 17.20 -25.61 7.39
CA GLN A 81 15.78 -25.59 7.18
C GLN A 81 15.00 -26.04 8.40
N TYR A 82 13.76 -25.59 8.43
CA TYR A 82 12.84 -25.88 9.48
C TYR A 82 12.44 -27.31 9.31
N SER A 83 12.33 -28.02 10.44
CA SER A 83 11.86 -29.41 10.44
C SER A 83 10.54 -29.50 11.18
N SER A 84 10.45 -28.89 12.35
CA SER A 84 9.18 -28.98 13.07
C SER A 84 9.02 -27.95 14.17
N TYR A 85 7.82 -27.94 14.76
CA TYR A 85 7.50 -27.06 15.89
C TYR A 85 8.38 -27.20 17.14
N ASN A 86 9.12 -28.31 17.26
CA ASN A 86 10.04 -28.50 18.39
C ASN A 86 11.06 -27.39 18.46
N PHE A 87 11.29 -26.72 17.34
CA PHE A 87 12.20 -25.58 17.38
C PHE A 87 11.61 -24.47 18.29
N PHE A 88 10.29 -24.43 18.41
CA PHE A 88 9.62 -23.33 19.13
C PHE A 88 9.25 -23.70 20.56
N ARG A 89 9.73 -24.84 21.04
CA ARG A 89 9.38 -25.28 22.38
C ARG A 89 9.98 -24.34 23.39
N PRO A 90 9.20 -23.96 24.40
CA PRO A 90 9.83 -23.11 25.43
C PRO A 90 10.99 -23.76 26.15
N ASP A 91 11.02 -25.10 26.28
CA ASP A 91 12.18 -25.79 26.91
C ASP A 91 13.42 -25.92 26.00
N ASN A 92 13.31 -25.43 24.78
CA ASN A 92 14.41 -25.48 23.82
C ASN A 92 15.42 -24.39 24.07
N GLU A 93 16.32 -24.61 25.02
CA GLU A 93 17.28 -23.59 25.46
C GLU A 93 18.01 -22.96 24.28
N GLU A 94 18.38 -23.77 23.30
CA GLU A 94 19.26 -23.32 22.23
C GLU A 94 18.49 -22.52 21.16
N ALA A 95 17.35 -23.03 20.71
CA ALA A 95 16.51 -22.25 19.83
C ALA A 95 16.16 -20.90 20.51
N MET A 96 15.88 -20.91 21.81
CA MET A 96 15.58 -19.66 22.50
C MET A 96 16.71 -18.67 22.32
N LYS A 97 17.94 -19.12 22.47
CA LYS A 97 19.08 -18.21 22.33
C LYS A 97 19.17 -17.66 20.92
N VAL A 98 18.83 -18.51 19.96
CA VAL A 98 18.91 -18.15 18.57
C VAL A 98 17.82 -17.12 18.28
N ARG A 99 16.59 -17.44 18.68
CA ARG A 99 15.47 -16.55 18.48
C ARG A 99 15.77 -15.15 19.06
N LYS A 100 16.31 -15.10 20.26
CA LYS A 100 16.61 -13.85 20.92
C LYS A 100 17.66 -13.07 20.16
N GLN A 101 18.68 -13.77 19.65
CA GLN A 101 19.72 -13.13 18.85
C GLN A 101 19.18 -12.67 17.47
N CYS A 102 18.14 -13.31 16.98
CA CYS A 102 17.54 -12.92 15.75
C CYS A 102 16.78 -11.60 15.97
N ALA A 103 16.09 -11.49 17.10
CA ALA A 103 15.41 -10.26 17.43
C ALA A 103 16.40 -9.14 17.55
N LEU A 104 17.52 -9.38 18.23
CA LEU A 104 18.49 -8.31 18.46
C LEU A 104 19.16 -7.85 17.17
N ALA A 105 19.37 -8.80 16.25
CA ALA A 105 19.92 -8.47 14.95
C ALA A 105 18.93 -7.66 14.09
N ALA A 106 17.63 -7.95 14.21
CA ALA A 106 16.61 -7.19 13.53
C ALA A 106 16.58 -5.77 14.09
N LEU A 107 16.58 -5.62 15.41
CA LEU A 107 16.72 -4.31 16.00
C LEU A 107 17.99 -3.54 15.59
N ARG A 108 19.12 -4.21 15.43
CA ARG A 108 20.32 -3.52 14.97
C ARG A 108 19.99 -2.87 13.62
N ASP A 109 19.32 -3.62 12.75
CA ASP A 109 18.94 -3.12 11.46
C ASP A 109 17.90 -1.98 11.57
N VAL A 110 16.98 -2.10 12.53
CA VAL A 110 16.02 -1.04 12.80
C VAL A 110 16.75 0.26 13.18
N LYS A 111 17.74 0.18 14.06
CA LYS A 111 18.55 1.34 14.42
C LYS A 111 19.19 1.94 13.17
N SER A 112 19.76 1.08 12.36
CA SER A 112 20.41 1.53 11.17
C SER A 112 19.45 2.23 10.19
N TYR A 113 18.25 1.66 10.03
CA TYR A 113 17.30 2.15 9.05
C TYR A 113 16.81 3.54 9.45
N LEU A 114 16.46 3.69 10.72
CA LEU A 114 15.88 4.90 11.25
C LEU A 114 16.89 5.99 11.59
N ALA A 115 18.08 5.63 12.06
CA ALA A 115 19.05 6.61 12.48
C ALA A 115 19.97 7.03 11.35
N LYS A 116 20.15 6.19 10.33
CA LYS A 116 21.16 6.44 9.31
C LYS A 116 20.70 6.33 7.87
N GLU A 117 19.56 5.70 7.61
CA GLU A 117 19.18 5.47 6.23
C GLU A 117 17.99 6.31 5.80
N GLY A 118 17.54 7.21 6.68
CA GLY A 118 16.38 8.08 6.37
C GLY A 118 15.03 7.41 6.55
N GLY A 119 15.00 6.30 7.28
CA GLY A 119 13.76 5.59 7.50
C GLY A 119 12.95 6.37 8.50
N GLN A 120 11.64 6.30 8.39
CA GLN A 120 10.80 7.02 9.34
C GLN A 120 10.09 6.09 10.31
N ILE A 121 9.59 4.98 9.77
CA ILE A 121 8.86 4.00 10.54
C ILE A 121 9.47 2.63 10.28
N ALA A 122 9.70 1.87 11.34
CA ALA A 122 10.16 0.51 11.24
C ALA A 122 9.14 -0.34 11.90
N VAL A 123 8.62 -1.32 11.17
CA VAL A 123 7.63 -2.22 11.73
C VAL A 123 8.31 -3.51 12.17
N PHE A 124 8.42 -3.72 13.48
CA PHE A 124 9.08 -4.91 14.06
C PHE A 124 8.03 -5.99 14.12
N ASP A 125 8.06 -6.87 13.13
CA ASP A 125 7.02 -7.86 12.96
C ASP A 125 7.45 -9.20 13.58
N ALA A 126 6.90 -9.49 14.75
CA ALA A 126 7.19 -10.71 15.48
C ALA A 126 6.07 -10.93 16.46
N THR A 127 6.11 -12.07 17.16
CA THR A 127 5.09 -12.36 18.16
C THR A 127 5.14 -11.38 19.33
N ASN A 128 6.35 -11.11 19.83
CA ASN A 128 6.58 -10.18 20.94
C ASN A 128 5.52 -10.34 22.02
N THR A 129 5.27 -11.59 22.38
CA THR A 129 4.17 -11.97 23.29
C THR A 129 4.42 -11.86 24.80
N THR A 130 5.64 -11.56 25.19
CA THR A 130 5.98 -11.47 26.60
C THR A 130 6.30 -10.03 26.96
N ARG A 131 5.92 -9.65 28.19
CA ARG A 131 6.20 -8.32 28.74
C ARG A 131 7.67 -8.05 28.69
N GLU A 132 8.43 -9.09 28.94
CA GLU A 132 9.87 -9.00 29.00
C GLU A 132 10.46 -8.61 27.66
N ARG A 133 10.04 -9.30 26.60
CA ARG A 133 10.49 -8.99 25.26
C ARG A 133 10.12 -7.55 24.88
N ARG A 134 8.91 -7.13 25.24
CA ARG A 134 8.44 -5.79 24.93
C ARG A 134 9.15 -4.72 25.75
N HIS A 135 9.48 -5.06 26.98
CA HIS A 135 10.20 -4.14 27.83
C HIS A 135 11.57 -3.88 27.20
N MET A 136 12.17 -4.91 26.65
CA MET A 136 13.47 -4.73 26.04
C MET A 136 13.38 -3.85 24.75
N ILE A 137 12.27 -3.95 23.99
CA ILE A 137 12.11 -3.13 22.79
C ILE A 137 11.90 -1.65 23.16
N LEU A 138 11.16 -1.44 24.22
CA LEU A 138 11.03 -0.12 24.83
C LEU A 138 12.37 0.49 25.23
N HIS A 139 13.19 -0.29 25.91
CA HIS A 139 14.51 0.21 26.30
C HIS A 139 15.29 0.60 25.05
N PHE A 140 15.25 -0.26 24.03
CA PHE A 140 15.88 0.00 22.76
C PHE A 140 15.38 1.31 22.13
N ALA A 141 14.07 1.49 22.16
CA ALA A 141 13.46 2.67 21.57
C ALA A 141 13.87 3.90 22.36
N LYS A 142 13.70 3.81 23.67
CA LYS A 142 13.92 4.94 24.57
C LYS A 142 15.36 5.48 24.44
N GLU A 143 16.33 4.59 24.41
CA GLU A 143 17.71 5.03 24.31
C GLU A 143 18.18 5.37 22.90
N ASN A 144 17.34 5.21 21.89
CA ASN A 144 17.71 5.71 20.57
C ASN A 144 16.82 6.86 20.19
N ASP A 145 15.96 7.26 21.11
CA ASP A 145 15.01 8.34 20.84
C ASP A 145 14.01 8.01 19.73
N PHE A 146 13.51 6.77 19.77
CA PHE A 146 12.49 6.33 18.83
C PHE A 146 11.23 6.28 19.63
N LYS A 147 10.12 6.64 19.00
CA LYS A 147 8.84 6.39 19.60
C LYS A 147 8.49 4.94 19.35
N ALA A 148 7.74 4.37 20.29
CA ALA A 148 7.24 3.00 20.17
C ALA A 148 5.72 3.01 20.16
N PHE A 149 5.14 2.30 19.19
CA PHE A 149 3.71 2.13 19.07
C PHE A 149 3.38 0.66 18.86
N PHE A 150 2.54 0.12 19.73
CA PHE A 150 2.25 -1.31 19.67
C PHE A 150 0.94 -1.59 18.95
N ILE A 151 0.94 -2.61 18.10
CA ILE A 151 -0.29 -3.10 17.50
C ILE A 151 -0.46 -4.58 17.78
N GLU A 152 -1.52 -4.95 18.47
CA GLU A 152 -1.74 -6.33 18.86
C GLU A 152 -2.97 -6.83 18.18
N SER A 153 -2.87 -8.04 17.63
CA SER A 153 -3.99 -8.67 17.01
C SER A 153 -4.37 -9.88 17.86
N VAL A 154 -5.62 -9.89 18.33
CA VAL A 154 -6.16 -10.93 19.20
C VAL A 154 -7.28 -11.58 18.45
N CYS A 155 -7.26 -12.91 18.38
CA CYS A 155 -8.34 -13.71 17.77
C CYS A 155 -8.36 -15.14 18.26
N ASP A 156 -9.50 -15.58 18.77
CA ASP A 156 -9.64 -16.93 19.33
C ASP A 156 -10.59 -17.79 18.51
N ASP A 157 -10.92 -17.34 17.31
CA ASP A 157 -11.80 -18.10 16.44
C ASP A 157 -11.02 -19.07 15.53
N PRO A 158 -11.14 -20.40 15.79
CA PRO A 158 -10.33 -21.43 15.08
C PRO A 158 -10.49 -21.43 13.58
N THR A 159 -11.66 -21.03 13.11
CA THR A 159 -11.92 -20.90 11.70
C THR A 159 -11.01 -19.86 11.04
N VAL A 160 -10.79 -18.77 11.76
CA VAL A 160 -10.00 -17.69 11.23
C VAL A 160 -8.54 -18.13 11.25
N VAL A 161 -8.12 -18.68 12.38
CA VAL A 161 -6.75 -19.17 12.51
C VAL A 161 -6.46 -20.23 11.41
N ALA A 162 -7.35 -21.20 11.26
CA ALA A 162 -7.21 -22.25 10.21
C ALA A 162 -7.02 -21.63 8.84
N SER A 163 -7.95 -20.76 8.49
CA SER A 163 -7.91 -20.07 7.24
C SER A 163 -6.56 -19.36 7.02
N ASN A 164 -6.08 -18.66 8.04
CA ASN A 164 -4.82 -17.97 7.88
C ASN A 164 -3.75 -18.97 7.53
N ILE A 165 -3.76 -20.09 8.25
CA ILE A 165 -2.74 -21.11 8.07
C ILE A 165 -2.77 -21.67 6.66
N MET A 166 -3.94 -22.09 6.21
CA MET A 166 -4.11 -22.52 4.81
C MET A 166 -3.63 -21.47 3.78
N GLU A 167 -3.88 -20.21 4.07
CA GLU A 167 -3.73 -19.22 3.06
C GLU A 167 -2.33 -18.74 2.92
N VAL A 168 -1.59 -18.65 4.02
CA VAL A 168 -0.22 -18.15 3.90
C VAL A 168 0.84 -18.96 4.66
N LYS A 169 0.43 -19.84 5.57
CA LYS A 169 1.42 -20.59 6.34
C LYS A 169 1.91 -21.84 5.60
N ILE A 170 0.99 -22.66 5.11
CA ILE A 170 1.40 -23.96 4.53
C ILE A 170 2.27 -23.79 3.29
N SER A 171 2.06 -22.71 2.55
CA SER A 171 2.83 -22.39 1.35
C SER A 171 4.15 -21.70 1.64
N SER A 172 4.44 -21.38 2.90
CA SER A 172 5.70 -20.69 3.21
C SER A 172 6.93 -21.59 3.10
N PRO A 173 8.11 -20.99 3.09
CA PRO A 173 9.30 -21.82 2.87
C PRO A 173 9.55 -22.88 3.97
N ASP A 174 9.23 -22.55 5.23
CA ASP A 174 9.34 -23.45 6.37
C ASP A 174 8.74 -24.84 6.07
N TYR A 175 7.66 -24.87 5.30
CA TYR A 175 6.90 -26.08 5.08
C TYR A 175 7.01 -26.65 3.65
N LYS A 176 8.15 -26.47 3.00
CA LYS A 176 8.26 -26.88 1.60
C LYS A 176 8.35 -28.40 1.45
N ASP A 177 8.88 -29.07 2.46
CA ASP A 177 8.95 -30.53 2.46
C ASP A 177 7.79 -31.17 3.24
N CYS A 178 6.66 -30.47 3.34
CA CYS A 178 5.49 -31.00 4.05
C CYS A 178 4.27 -30.86 3.16
N ASN A 179 3.37 -31.84 3.22
CA ASN A 179 2.05 -31.68 2.63
C ASN A 179 1.16 -30.82 3.53
N SER A 180 0.00 -30.45 3.01
CA SER A 180 -0.94 -29.56 3.72
C SER A 180 -1.26 -30.00 5.12
N ALA A 181 -1.78 -31.23 5.23
CA ALA A 181 -2.30 -31.76 6.49
C ALA A 181 -1.27 -31.66 7.60
N GLU A 182 -0.02 -31.88 7.26
CA GLU A 182 1.01 -31.99 8.28
C GLU A 182 1.70 -30.65 8.53
N ALA A 183 1.55 -29.71 7.60
CA ALA A 183 1.92 -28.30 7.86
C ALA A 183 0.92 -27.68 8.84
N MET A 184 -0.36 -27.92 8.58
CA MET A 184 -1.44 -27.47 9.42
C MET A 184 -1.25 -28.01 10.84
N ASP A 185 -0.88 -29.28 10.92
CA ASP A 185 -0.76 -29.92 12.21
C ASP A 185 0.43 -29.33 12.95
N ASP A 186 1.55 -29.23 12.26
CA ASP A 186 2.74 -28.67 12.88
C ASP A 186 2.43 -27.23 13.33
N PHE A 187 1.67 -26.48 12.51
CA PHE A 187 1.52 -25.08 12.82
C PHE A 187 0.69 -24.91 14.08
N MET A 188 -0.33 -25.75 14.24
CA MET A 188 -1.19 -25.69 15.41
C MET A 188 -0.43 -25.90 16.72
N LYS A 189 0.59 -26.74 16.68
CA LYS A 189 1.36 -27.01 17.88
C LYS A 189 2.39 -25.93 18.08
N ARG A 190 2.88 -25.41 16.96
CA ARG A 190 3.72 -24.25 16.99
C ARG A 190 3.00 -23.13 17.76
N ILE A 191 1.76 -22.87 17.44
CA ILE A 191 1.00 -21.87 18.17
C ILE A 191 0.94 -22.20 19.66
N SER A 192 0.62 -23.46 20.00
CA SER A 192 0.49 -23.82 21.42
C SER A 192 1.80 -23.60 22.19
N CYS A 193 2.94 -23.63 21.52
CA CYS A 193 4.22 -23.29 22.19
C CYS A 193 4.26 -21.88 22.78
N TYR A 194 3.41 -20.97 22.28
CA TYR A 194 3.48 -19.58 22.69
C TYR A 194 2.42 -19.26 23.77
N GLU A 195 1.44 -20.14 23.92
CA GLU A 195 0.26 -19.82 24.73
C GLU A 195 0.49 -19.64 26.21
N ALA A 196 1.39 -20.41 26.80
CA ALA A 196 1.55 -20.35 28.24
C ALA A 196 2.16 -19.02 28.67
N SER A 197 3.07 -18.46 27.88
CA SER A 197 3.78 -17.28 28.31
C SER A 197 3.24 -16.01 27.66
N TYR A 198 2.10 -16.11 26.97
CA TYR A 198 1.54 -14.95 26.28
C TYR A 198 0.87 -13.99 27.28
N GLN A 199 1.46 -12.81 27.43
CA GLN A 199 0.88 -11.75 28.25
C GLN A 199 0.30 -10.65 27.34
N PRO A 200 -1.03 -10.64 27.18
CA PRO A 200 -1.60 -9.65 26.27
C PRO A 200 -1.32 -8.23 26.72
N LEU A 201 -1.37 -7.26 25.79
CA LEU A 201 -1.18 -5.88 26.18
C LEU A 201 -2.28 -5.57 27.18
N ASP A 202 -1.95 -4.83 28.21
CA ASP A 202 -2.94 -4.55 29.25
C ASP A 202 -3.01 -3.04 29.51
N PRO A 203 -3.80 -2.32 28.72
CA PRO A 203 -3.87 -0.88 28.88
C PRO A 203 -4.53 -0.41 30.20
N ASP A 204 -5.33 -1.27 30.85
CA ASP A 204 -5.91 -0.92 32.15
C ASP A 204 -4.84 -0.71 33.18
N LYS A 205 -3.93 -1.66 33.28
CA LYS A 205 -2.94 -1.62 34.33
C LYS A 205 -1.56 -1.45 33.76
N CYS A 206 -0.89 -2.58 33.48
CA CYS A 206 0.55 -2.55 33.38
C CYS A 206 1.01 -1.77 32.14
N ASP A 207 0.15 -1.65 31.13
CA ASP A 207 0.54 -0.95 29.89
C ASP A 207 -0.15 0.42 29.70
N ARG A 208 -0.71 0.97 30.78
CA ARG A 208 -1.53 2.18 30.68
C ARG A 208 -0.76 3.33 30.06
N ASP A 209 0.56 3.32 30.17
CA ASP A 209 1.37 4.41 29.65
C ASP A 209 1.86 4.17 28.22
N LEU A 210 1.68 2.98 27.69
CA LEU A 210 2.14 2.74 26.32
C LEU A 210 1.14 3.26 25.28
N SER A 211 1.66 3.58 24.11
CA SER A 211 0.82 3.93 22.99
C SER A 211 0.59 2.66 22.20
N LEU A 212 -0.67 2.32 21.99
CA LEU A 212 -1.02 1.04 21.42
C LEU A 212 -2.42 0.98 20.85
N ILE A 213 -2.60 0.06 19.92
CA ILE A 213 -3.92 -0.35 19.58
C ILE A 213 -4.02 -1.88 19.69
N LYS A 214 -5.05 -2.33 20.38
CA LYS A 214 -5.32 -3.74 20.49
C LYS A 214 -6.52 -4.00 19.61
N VAL A 215 -6.33 -4.85 18.58
CA VAL A 215 -7.39 -5.18 17.63
C VAL A 215 -7.93 -6.56 17.93
N ILE A 216 -9.24 -6.68 17.93
CA ILE A 216 -9.90 -7.87 18.41
C ILE A 216 -10.82 -8.43 17.33
N ASP A 217 -10.68 -9.71 17.03
CA ASP A 217 -11.61 -10.41 16.13
C ASP A 217 -11.66 -9.76 14.76
N VAL A 218 -10.49 -9.57 14.18
CA VAL A 218 -10.32 -9.19 12.76
C VAL A 218 -10.90 -7.80 12.44
N GLY A 219 -10.58 -6.84 13.27
CA GLY A 219 -11.04 -5.48 13.06
C GLY A 219 -12.41 -5.21 13.65
N ARG A 220 -13.02 -6.18 14.33
CA ARG A 220 -14.36 -5.95 14.89
C ARG A 220 -14.35 -4.86 15.99
N ARG A 221 -13.23 -4.71 16.66
CA ARG A 221 -13.20 -3.90 17.84
C ARG A 221 -11.77 -3.52 18.16
N PHE A 222 -11.59 -2.30 18.66
CA PHE A 222 -10.28 -1.75 18.89
C PHE A 222 -10.23 -1.15 20.26
N LEU A 223 -9.04 -1.21 20.83
CA LEU A 223 -8.72 -0.59 22.08
C LEU A 223 -7.55 0.32 21.75
N VAL A 224 -7.70 1.63 21.96
CA VAL A 224 -6.69 2.57 21.55
C VAL A 224 -6.31 3.40 22.74
N ASN A 225 -5.02 3.54 22.95
CA ASN A 225 -4.52 4.13 24.16
C ASN A 225 -3.39 5.04 23.84
N ARG A 226 -3.54 6.30 24.22
CA ARG A 226 -2.46 7.28 24.16
C ARG A 226 -1.87 7.51 22.78
N VAL A 227 -2.67 7.90 21.80
CA VAL A 227 -2.11 8.32 20.52
C VAL A 227 -1.22 9.55 20.66
N GLN A 228 0.05 9.42 20.27
CA GLN A 228 1.07 10.47 20.52
C GLN A 228 1.25 11.50 19.40
N ASP A 229 0.86 11.16 18.18
CA ASP A 229 1.19 12.00 17.04
C ASP A 229 0.33 11.69 15.83
N HIS A 230 0.50 12.44 14.75
CA HIS A 230 -0.40 12.25 13.61
CA HIS A 230 -0.35 12.29 13.57
C HIS A 230 -0.17 10.94 12.84
N ILE A 231 1.02 10.34 12.89
CA ILE A 231 1.18 9.09 12.14
C ILE A 231 0.33 8.01 12.79
N GLN A 232 0.38 7.96 14.11
CA GLN A 232 -0.40 7.01 14.89
C GLN A 232 -1.90 7.14 14.73
N SER A 233 -2.46 8.35 14.77
CA SER A 233 -3.92 8.45 14.64
C SER A 233 -4.31 8.07 13.24
N ARG A 234 -3.47 8.39 12.29
CA ARG A 234 -3.71 8.04 10.90
C ARG A 234 -3.66 6.52 10.65
N ILE A 235 -2.73 5.84 11.29
CA ILE A 235 -2.71 4.36 11.24
C ILE A 235 -3.98 3.80 11.83
N VAL A 236 -4.43 4.36 12.95
CA VAL A 236 -5.68 3.85 13.50
C VAL A 236 -6.82 4.05 12.52
N TYR A 237 -6.88 5.22 11.94
CA TYR A 237 -7.95 5.50 10.96
C TYR A 237 -7.89 4.52 9.78
N TYR A 238 -6.69 4.28 9.28
CA TYR A 238 -6.49 3.31 8.21
C TYR A 238 -7.01 1.95 8.64
N LEU A 239 -6.60 1.51 9.82
CA LEU A 239 -7.03 0.21 10.31
C LEU A 239 -8.52 0.12 10.53
N MET A 240 -9.21 1.23 10.74
CA MET A 240 -10.65 1.17 10.88
C MET A 240 -11.36 1.14 9.58
N ASN A 241 -10.65 1.36 8.49
CA ASN A 241 -11.28 1.40 7.19
C ASN A 241 -11.08 0.16 6.36
N ILE A 242 -9.98 -0.55 6.61
CA ILE A 242 -9.73 -1.77 5.88
C ILE A 242 -10.58 -2.92 6.37
N HIS A 243 -10.72 -3.92 5.51
CA HIS A 243 -11.48 -5.11 5.80
C HIS A 243 -10.84 -6.30 5.04
N VAL A 244 -11.23 -7.51 5.40
CA VAL A 244 -10.64 -8.71 4.81
C VAL A 244 -11.60 -9.51 3.92
N GLN A 245 -12.73 -8.92 3.55
CA GLN A 245 -13.67 -9.58 2.66
C GLN A 245 -13.10 -9.66 1.25
N PRO A 246 -13.36 -10.78 0.56
CA PRO A 246 -12.88 -10.86 -0.82
C PRO A 246 -13.64 -9.87 -1.71
N ARG A 247 -12.93 -9.33 -2.71
CA ARG A 247 -13.55 -8.44 -3.67
C ARG A 247 -12.65 -8.17 -4.84
N THR A 248 -13.16 -7.41 -5.79
CA THR A 248 -12.42 -7.12 -6.99
C THR A 248 -12.39 -5.62 -7.27
N ILE A 249 -11.22 -5.10 -7.63
CA ILE A 249 -11.05 -3.74 -8.04
C ILE A 249 -10.65 -3.64 -9.51
N TYR A 250 -11.51 -3.01 -10.33
CA TYR A 250 -11.18 -2.75 -11.73
C TYR A 250 -10.77 -1.32 -11.92
N LEU A 251 -9.65 -1.09 -12.61
CA LEU A 251 -9.18 0.22 -12.91
C LEU A 251 -9.02 0.37 -14.42
N CYS A 252 -9.51 1.46 -15.01
CA CYS A 252 -9.26 1.73 -16.42
C CYS A 252 -9.25 3.21 -16.69
N ARG A 253 -8.81 3.58 -17.87
CA ARG A 253 -8.94 4.94 -18.33
C ARG A 253 -10.25 5.17 -19.06
N HIS A 254 -10.56 6.45 -19.21
CA HIS A 254 -11.58 6.89 -20.12
C HIS A 254 -11.28 6.26 -21.48
N GLY A 255 -12.33 5.85 -22.18
CA GLY A 255 -12.24 5.64 -23.60
C GLY A 255 -11.38 6.71 -24.24
N GLU A 256 -10.72 6.37 -25.35
CA GLU A 256 -9.94 7.31 -26.12
C GLU A 256 -10.73 8.59 -26.39
N ASN A 257 -10.04 9.74 -26.32
CA ASN A 257 -10.67 11.02 -26.51
C ASN A 257 -10.01 11.85 -27.60
N GLU A 258 -10.69 12.92 -28.01
CA GLU A 258 -10.17 13.73 -29.13
C GLU A 258 -8.79 14.28 -28.89
N HIS A 259 -8.48 14.63 -27.66
CA HIS A 259 -7.13 15.12 -27.34
C HIS A 259 -6.07 14.03 -27.46
N ASN A 260 -6.47 12.78 -27.23
CA ASN A 260 -5.56 11.66 -27.42
C ASN A 260 -5.17 11.59 -28.89
N LEU A 261 -6.16 11.66 -29.79
CA LEU A 261 -5.89 11.60 -31.22
C LEU A 261 -4.88 12.65 -31.63
N GLN A 262 -4.80 13.76 -30.89
CA GLN A 262 -3.88 14.85 -31.27
C GLN A 262 -2.63 14.87 -30.47
N GLY A 263 -2.46 13.91 -29.57
CA GLY A 263 -1.29 13.90 -28.68
C GLY A 263 -1.25 15.13 -27.78
N ARG A 264 -2.43 15.61 -27.40
CA ARG A 264 -2.54 16.77 -26.53
C ARG A 264 -2.83 16.34 -25.09
N ILE A 265 -2.10 16.91 -24.15
CA ILE A 265 -2.29 16.56 -22.76
C ILE A 265 -3.29 17.48 -22.04
N GLY A 266 -3.89 16.93 -20.99
CA GLY A 266 -4.85 17.67 -20.21
C GLY A 266 -6.17 17.87 -20.94
N GLY A 267 -6.79 19.02 -20.67
CA GLY A 267 -8.02 19.37 -21.32
C GLY A 267 -9.19 18.56 -20.84
N ASP A 268 -10.34 18.75 -21.47
CA ASP A 268 -11.55 18.09 -21.07
C ASP A 268 -12.36 17.73 -22.34
N SER A 269 -11.64 17.23 -23.35
CA SER A 269 -12.28 16.71 -24.58
C SER A 269 -13.18 15.49 -24.34
N GLY A 270 -14.02 15.20 -25.32
CA GLY A 270 -14.93 14.04 -25.27
C GLY A 270 -14.40 12.78 -25.98
N LEU A 271 -15.15 11.71 -25.88
CA LEU A 271 -14.70 10.47 -26.48
C LEU A 271 -14.69 10.55 -27.99
N SER A 272 -13.60 10.08 -28.59
CA SER A 272 -13.54 9.75 -30.03
C SER A 272 -14.43 8.56 -30.39
N SER A 273 -14.56 8.27 -31.67
CA SER A 273 -15.41 7.17 -32.12
C SER A 273 -14.91 5.83 -31.58
N ARG A 274 -13.60 5.65 -31.51
CA ARG A 274 -13.08 4.42 -30.91
C ARG A 274 -13.37 4.42 -29.40
N GLY A 275 -13.13 5.58 -28.78
CA GLY A 275 -13.42 5.72 -27.35
C GLY A 275 -14.81 5.25 -27.02
N LYS A 276 -15.78 5.60 -27.88
CA LYS A 276 -17.17 5.13 -27.71
C LYS A 276 -17.33 3.64 -27.94
N LYS A 277 -16.57 3.07 -28.86
CA LYS A 277 -16.62 1.61 -28.99
C LYS A 277 -16.06 0.96 -27.71
N PHE A 278 -14.99 1.52 -27.14
CA PHE A 278 -14.49 1.00 -25.85
C PHE A 278 -15.56 0.96 -24.76
N ALA A 279 -16.28 2.08 -24.64
CA ALA A 279 -17.28 2.24 -23.59
C ALA A 279 -18.27 1.14 -23.72
N SER A 280 -18.71 0.94 -24.95
CA SER A 280 -19.65 -0.14 -25.24
C SER A 280 -19.05 -1.52 -24.93
N ALA A 281 -17.80 -1.71 -25.27
CA ALA A 281 -17.12 -2.96 -24.91
C ALA A 281 -17.03 -3.11 -23.39
N LEU A 282 -16.71 -2.00 -22.70
CA LEU A 282 -16.57 -2.01 -21.21
C LEU A 282 -17.85 -2.40 -20.55
N SER A 283 -18.93 -1.93 -21.11
CA SER A 283 -20.24 -2.31 -20.65
C SER A 283 -20.45 -3.81 -20.81
N LYS A 284 -19.97 -4.38 -21.91
CA LYS A 284 -20.16 -5.81 -22.13
C LYS A 284 -19.34 -6.56 -21.10
N PHE A 285 -18.05 -6.20 -21.02
CA PHE A 285 -17.17 -6.81 -20.03
C PHE A 285 -17.77 -6.84 -18.63
N VAL A 286 -18.29 -5.70 -18.20
CA VAL A 286 -18.77 -5.56 -16.84
C VAL A 286 -19.93 -6.49 -16.61
N GLU A 287 -20.80 -6.53 -17.61
CA GLU A 287 -21.98 -7.42 -17.56
C GLU A 287 -21.54 -8.88 -17.42
N GLU A 288 -20.63 -9.34 -18.29
CA GLU A 288 -20.06 -10.70 -18.20
C GLU A 288 -19.36 -11.00 -16.87
N GLN A 289 -18.80 -9.99 -16.21
CA GLN A 289 -18.15 -10.19 -14.92
C GLN A 289 -19.15 -10.56 -13.82
N ASN A 290 -20.38 -10.08 -13.99
CA ASN A 290 -21.49 -10.56 -13.17
C ASN A 290 -21.37 -10.26 -11.66
N LEU A 291 -20.89 -9.06 -11.32
CA LEU A 291 -20.65 -8.73 -9.90
C LEU A 291 -21.95 -8.36 -9.26
N LYS A 292 -21.98 -8.36 -7.94
CA LYS A 292 -23.09 -7.73 -7.24
C LYS A 292 -22.58 -6.40 -6.68
N ASP A 293 -23.47 -5.42 -6.66
CA ASP A 293 -23.20 -4.15 -6.01
C ASP A 293 -21.86 -3.58 -6.43
N LEU A 294 -21.65 -3.55 -7.74
CA LEU A 294 -20.46 -2.94 -8.27
C LEU A 294 -20.57 -1.41 -8.22
N ARG A 295 -19.70 -0.75 -7.49
CA ARG A 295 -19.72 0.71 -7.46
C ARG A 295 -18.85 1.24 -8.56
N VAL A 296 -19.25 2.32 -9.19
CA VAL A 296 -18.50 2.92 -10.28
C VAL A 296 -18.14 4.37 -9.96
N TRP A 297 -16.87 4.71 -10.13
CA TRP A 297 -16.37 6.06 -9.88
C TRP A 297 -15.72 6.60 -11.13
N THR A 298 -15.87 7.91 -11.34
CA THR A 298 -15.26 8.59 -12.47
C THR A 298 -14.65 9.87 -11.91
N SER A 299 -13.84 10.55 -12.72
CA SER A 299 -13.48 11.91 -12.47
C SER A 299 -14.66 12.83 -12.88
N GLN A 300 -14.40 14.13 -12.93
CA GLN A 300 -15.40 15.10 -13.35
C GLN A 300 -15.14 15.52 -14.78
N LEU A 301 -14.14 14.91 -15.41
CA LEU A 301 -13.85 15.22 -16.80
C LEU A 301 -14.75 14.38 -17.66
N LYS A 302 -15.22 14.97 -18.76
CA LYS A 302 -16.20 14.34 -19.69
C LYS A 302 -15.89 12.91 -20.21
N SER A 303 -14.62 12.69 -20.54
CA SER A 303 -14.13 11.39 -21.08
C SER A 303 -14.58 10.21 -20.25
N THR A 304 -14.27 10.37 -18.99
CA THR A 304 -14.56 9.44 -17.96
C THR A 304 -16.09 9.26 -17.77
N ILE A 305 -16.81 10.36 -17.79
CA ILE A 305 -18.24 10.30 -17.53
C ILE A 305 -18.96 9.64 -18.70
N GLN A 306 -18.60 10.04 -19.92
CA GLN A 306 -19.22 9.40 -21.09
C GLN A 306 -18.96 7.89 -21.03
N THR A 307 -17.75 7.51 -20.62
CA THR A 307 -17.39 6.10 -20.58
C THR A 307 -18.34 5.37 -19.62
N ALA A 308 -18.54 5.94 -18.43
CA ALA A 308 -19.47 5.33 -17.49
C ALA A 308 -20.90 5.36 -17.97
N GLU A 309 -21.27 6.36 -18.76
CA GLU A 309 -22.65 6.41 -19.25
C GLU A 309 -23.02 5.13 -20.02
N ALA A 310 -22.08 4.59 -20.78
CA ALA A 310 -22.33 3.34 -21.53
C ALA A 310 -22.66 2.13 -20.65
N LEU A 311 -22.34 2.17 -19.35
CA LEU A 311 -22.53 1.00 -18.47
C LEU A 311 -23.97 0.83 -18.01
N ARG A 312 -24.76 1.90 -18.12
CA ARG A 312 -26.09 1.94 -17.56
C ARG A 312 -26.08 1.53 -16.09
N LEU A 313 -25.08 2.00 -15.33
CA LEU A 313 -25.07 1.77 -13.90
C LEU A 313 -24.93 3.12 -13.18
N PRO A 314 -25.40 3.17 -11.94
CA PRO A 314 -25.11 4.36 -11.12
C PRO A 314 -23.60 4.55 -10.94
N TYR A 315 -23.12 5.78 -11.06
CA TYR A 315 -21.72 6.04 -10.82
C TYR A 315 -21.62 7.38 -10.11
N GLU A 316 -20.46 7.69 -9.52
CA GLU A 316 -20.29 8.93 -8.78
C GLU A 316 -18.98 9.54 -9.23
N GLN A 317 -18.97 10.86 -9.37
CA GLN A 317 -17.82 11.61 -9.84
C GLN A 317 -17.03 12.17 -8.67
N TRP A 318 -15.72 12.24 -8.86
CA TRP A 318 -14.80 12.70 -7.85
C TRP A 318 -13.85 13.63 -8.52
N LYS A 319 -13.76 14.85 -8.02
CA LYS A 319 -12.79 15.77 -8.55
C LYS A 319 -11.41 15.23 -8.25
N ALA A 320 -11.29 14.43 -7.19
CA ALA A 320 -9.97 13.86 -6.86
C ALA A 320 -9.38 12.96 -7.98
N LEU A 321 -10.26 12.35 -8.80
CA LEU A 321 -9.85 11.47 -9.90
C LEU A 321 -9.51 12.19 -11.18
N ASN A 322 -9.61 13.51 -11.19
CA ASN A 322 -9.24 14.29 -12.33
C ASN A 322 -7.75 14.12 -12.63
N GLU A 323 -7.40 14.16 -13.90
CA GLU A 323 -6.04 13.93 -14.33
C GLU A 323 -5.13 15.00 -13.80
N ILE A 324 -3.86 14.64 -13.66
CA ILE A 324 -2.85 15.58 -13.22
C ILE A 324 -3.02 16.94 -13.92
N ASP A 325 -2.77 18.00 -13.20
CA ASP A 325 -2.97 19.31 -13.76
C ASP A 325 -1.65 19.82 -14.33
N ALA A 326 -1.60 19.97 -15.66
CA ALA A 326 -0.33 20.33 -16.29
C ALA A 326 -0.05 21.83 -16.25
N GLY A 327 -0.90 22.56 -15.51
CA GLY A 327 -0.80 24.00 -15.39
C GLY A 327 -0.74 24.77 -16.70
N VAL A 328 0.38 25.40 -16.92
CA VAL A 328 0.51 26.26 -18.08
C VAL A 328 0.66 25.41 -19.35
N CYS A 329 1.01 24.15 -19.19
CA CYS A 329 1.17 23.25 -20.35
C CYS A 329 -0.13 22.54 -20.72
N GLU A 330 -1.20 22.82 -20.01
CA GLU A 330 -2.45 22.15 -20.32
C GLU A 330 -2.74 22.39 -21.78
N GLU A 331 -3.07 21.31 -22.48
CA GLU A 331 -3.69 21.35 -23.79
C GLU A 331 -2.71 21.41 -24.96
N LEU A 332 -1.43 21.50 -24.63
CA LEU A 332 -0.35 21.40 -25.57
C LEU A 332 0.02 19.95 -25.88
N THR A 333 0.74 19.75 -26.99
CA THR A 333 1.35 18.46 -27.30
C THR A 333 2.66 18.49 -26.61
N TYR A 334 3.25 17.32 -26.40
CA TYR A 334 4.58 17.23 -25.79
C TYR A 334 5.61 17.94 -26.68
N GLU A 335 5.41 17.76 -27.99
CA GLU A 335 6.13 18.49 -29.02
C GLU A 335 6.13 20.01 -28.75
N GLU A 336 4.93 20.61 -28.70
CA GLU A 336 4.78 22.04 -28.35
C GLU A 336 5.41 22.40 -27.02
N ILE A 337 5.42 21.47 -26.06
CA ILE A 337 6.01 21.72 -24.77
C ILE A 337 7.53 21.77 -24.86
N ARG A 338 8.12 20.90 -25.67
CA ARG A 338 9.58 20.96 -25.86
C ARG A 338 10.03 22.23 -26.60
N ASP A 339 9.24 22.64 -27.58
CA ASP A 339 9.54 23.87 -28.32
C ASP A 339 9.36 25.11 -27.46
N THR A 340 8.18 25.22 -26.84
CA THR A 340 7.83 26.41 -26.09
C THR A 340 8.50 26.49 -24.72
N TYR A 341 8.60 25.36 -24.01
CA TYR A 341 9.20 25.31 -22.66
C TYR A 341 10.29 24.25 -22.58
N PRO A 342 11.34 24.39 -23.40
CA PRO A 342 12.43 23.39 -23.48
C PRO A 342 13.01 23.00 -22.12
N GLU A 343 13.18 23.96 -21.23
CA GLU A 343 13.82 23.70 -19.97
C GLU A 343 12.86 22.92 -19.05
N GLU A 344 11.57 23.26 -19.06
CA GLU A 344 10.58 22.54 -18.27
C GLU A 344 10.40 21.07 -18.71
N TYR A 345 10.50 20.84 -20.02
CA TYR A 345 10.45 19.47 -20.60
C TYR A 345 11.53 18.56 -20.07
N ALA A 346 12.73 19.12 -19.97
CA ALA A 346 13.90 18.41 -19.51
C ALA A 346 13.80 18.12 -18.02
N LEU A 347 13.43 19.12 -17.24
CA LEU A 347 13.35 18.92 -15.79
C LEU A 347 12.39 17.76 -15.45
N ARG A 348 11.28 17.67 -16.18
CA ARG A 348 10.30 16.63 -15.94
C ARG A 348 10.86 15.26 -16.23
N GLU A 349 11.54 15.14 -17.37
CA GLU A 349 12.12 13.87 -17.77
C GLU A 349 13.20 13.40 -16.79
N GLN A 350 13.86 14.36 -16.14
CA GLN A 350 14.88 14.03 -15.17
C GLN A 350 14.35 13.71 -13.76
N ASP A 351 13.11 14.10 -13.44
CA ASP A 351 12.57 13.82 -12.12
C ASP A 351 11.05 13.89 -12.14
N LYS A 352 10.44 12.84 -12.70
CA LYS A 352 9.07 12.92 -13.15
C LYS A 352 8.06 12.76 -11.99
N TYR A 353 8.53 12.27 -10.86
CA TYR A 353 7.67 12.11 -9.73
C TYR A 353 7.50 13.44 -8.98
N TYR A 354 8.61 14.10 -8.69
CA TYR A 354 8.59 15.36 -7.91
C TYR A 354 8.40 16.62 -8.75
N TYR A 355 8.62 16.51 -10.05
CA TYR A 355 8.48 17.65 -10.95
C TYR A 355 7.07 18.24 -10.89
N ARG A 356 6.99 19.54 -10.66
CA ARG A 356 5.70 20.19 -10.67
C ARG A 356 5.59 21.07 -11.90
N TYR A 357 4.57 20.84 -12.72
CA TYR A 357 4.31 21.74 -13.82
C TYR A 357 4.08 23.14 -13.24
N PRO A 358 4.47 24.19 -13.97
CA PRO A 358 4.28 25.53 -13.41
C PRO A 358 2.79 25.89 -13.38
N THR A 359 2.28 26.26 -12.22
CA THR A 359 0.84 26.52 -12.08
C THR A 359 0.06 25.22 -11.90
N GLY A 360 0.79 24.11 -11.79
CA GLY A 360 0.18 22.81 -11.82
C GLY A 360 0.69 21.86 -10.77
N GLU A 361 0.65 20.57 -11.12
CA GLU A 361 0.84 19.49 -10.14
C GLU A 361 2.01 18.60 -10.49
N SER A 362 2.51 17.91 -9.46
CA SER A 362 3.44 16.78 -9.58
C SER A 362 2.70 15.47 -9.30
N TYR A 363 3.30 14.35 -9.65
CA TYR A 363 2.78 13.03 -9.21
C TYR A 363 2.67 13.01 -7.68
N GLN A 364 3.58 13.72 -7.03
CA GLN A 364 3.53 13.79 -5.57
C GLN A 364 2.26 14.48 -5.08
N ASP A 365 1.84 15.52 -5.80
CA ASP A 365 0.60 16.24 -5.48
C ASP A 365 -0.60 15.34 -5.65
N LEU A 366 -0.55 14.57 -6.71
CA LEU A 366 -1.58 13.59 -7.02
C LEU A 366 -1.86 12.59 -5.86
N VAL A 367 -0.82 12.02 -5.29
CA VAL A 367 -0.94 11.11 -4.14
C VAL A 367 -1.74 11.76 -3.00
N GLN A 368 -1.41 13.01 -2.69
CA GLN A 368 -2.13 13.75 -1.64
C GLN A 368 -3.61 13.83 -1.95
N ARG A 369 -3.99 14.14 -3.18
CA ARG A 369 -5.45 14.25 -3.43
C ARG A 369 -6.08 12.92 -3.63
N LEU A 370 -5.30 11.91 -3.96
CA LEU A 370 -5.86 10.56 -4.11
C LEU A 370 -5.96 9.80 -2.80
N GLU A 371 -5.28 10.27 -1.78
CA GLU A 371 -5.34 9.59 -0.48
C GLU A 371 -6.80 9.31 -0.01
N PRO A 372 -7.68 10.28 -0.12
CA PRO A 372 -9.05 9.93 0.28
C PRO A 372 -9.73 8.95 -0.66
N VAL A 373 -9.22 8.80 -1.88
CA VAL A 373 -9.77 7.80 -2.78
C VAL A 373 -9.36 6.39 -2.35
N ILE A 374 -8.08 6.26 -2.01
CA ILE A 374 -7.54 5.02 -1.46
C ILE A 374 -8.26 4.62 -0.16
N MET A 375 -8.43 5.56 0.74
CA MET A 375 -9.09 5.27 1.98
C MET A 375 -10.53 4.78 1.72
N GLU A 376 -11.25 5.38 0.76
CA GLU A 376 -12.62 4.92 0.50
C GLU A 376 -12.60 3.59 -0.27
N LEU A 377 -11.66 3.44 -1.18
CA LEU A 377 -11.48 2.17 -1.86
C LEU A 377 -11.30 1.04 -0.87
N GLU A 378 -10.52 1.27 0.18
CA GLU A 378 -10.32 0.22 1.18
C GLU A 378 -11.64 -0.16 1.85
N ARG A 379 -12.59 0.76 1.96
CA ARG A 379 -13.88 0.45 2.60
C ARG A 379 -14.80 -0.33 1.68
N GLN A 380 -14.64 -0.14 0.38
CA GLN A 380 -15.57 -0.72 -0.58
C GLN A 380 -15.28 -2.20 -0.84
N GLU A 381 -16.14 -2.81 -1.63
CA GLU A 381 -15.90 -4.16 -2.09
C GLU A 381 -15.61 -4.10 -3.59
N ASN A 382 -16.60 -4.36 -4.42
CA ASN A 382 -16.33 -4.36 -5.85
C ASN A 382 -16.45 -2.95 -6.35
N VAL A 383 -15.38 -2.46 -6.98
CA VAL A 383 -15.35 -1.11 -7.52
C VAL A 383 -14.66 -1.03 -8.90
N LEU A 384 -15.27 -0.23 -9.77
CA LEU A 384 -14.71 0.13 -11.06
C LEU A 384 -14.36 1.60 -11.06
N VAL A 385 -13.11 1.92 -11.29
CA VAL A 385 -12.65 3.27 -11.29
C VAL A 385 -12.24 3.58 -12.73
N ILE A 386 -12.90 4.55 -13.34
CA ILE A 386 -12.58 5.04 -14.64
C ILE A 386 -11.90 6.39 -14.49
N CYS A 387 -10.67 6.49 -14.89
CA CYS A 387 -9.89 7.66 -14.55
C CYS A 387 -8.94 8.00 -15.68
N HIS A 388 -7.73 8.45 -15.38
CA HIS A 388 -6.82 8.99 -16.38
C HIS A 388 -5.42 8.46 -16.16
N GLN A 389 -4.53 8.66 -17.14
CA GLN A 389 -3.22 8.00 -17.15
C GLN A 389 -2.44 8.17 -15.85
N ALA A 390 -2.16 9.41 -15.45
CA ALA A 390 -1.29 9.61 -14.30
C ALA A 390 -1.98 9.16 -13.01
N VAL A 391 -3.27 9.40 -12.92
CA VAL A 391 -4.03 9.02 -11.73
C VAL A 391 -4.01 7.51 -11.58
N LEU A 392 -4.24 6.82 -12.68
CA LEU A 392 -4.23 5.35 -12.71
C LEU A 392 -2.88 4.83 -12.21
N ARG A 393 -1.81 5.43 -12.67
CA ARG A 393 -0.50 5.01 -12.25
C ARG A 393 -0.41 5.17 -10.77
N CYS A 394 -0.86 6.31 -10.25
CA CYS A 394 -0.72 6.58 -8.84
CA CYS A 394 -0.72 6.54 -8.83
C CYS A 394 -1.48 5.53 -8.01
N LEU A 395 -2.68 5.17 -8.44
CA LEU A 395 -3.49 4.19 -7.71
C LEU A 395 -2.83 2.82 -7.80
N LEU A 396 -2.36 2.51 -9.00
CA LEU A 396 -1.79 1.20 -9.29
C LEU A 396 -0.56 0.99 -8.43
N ALA A 397 0.23 2.04 -8.24
CA ALA A 397 1.43 1.96 -7.44
C ALA A 397 1.08 1.60 -6.02
N TYR A 398 0.02 2.18 -5.49
CA TYR A 398 -0.43 1.85 -4.17
C TYR A 398 -0.72 0.38 -4.07
N PHE A 399 -1.52 -0.14 -4.99
CA PHE A 399 -1.95 -1.53 -4.88
C PHE A 399 -0.85 -2.54 -5.10
N LEU A 400 0.16 -2.17 -5.88
CA LEU A 400 1.22 -3.08 -6.30
C LEU A 400 2.53 -2.71 -5.66
N ASP A 401 2.50 -1.77 -4.72
CA ASP A 401 3.68 -1.51 -3.91
C ASP A 401 4.82 -1.11 -4.82
N LYS A 402 4.55 -0.15 -5.71
CA LYS A 402 5.58 0.41 -6.57
C LYS A 402 6.06 1.72 -6.02
N SER A 403 7.35 1.96 -6.19
CA SER A 403 7.99 3.09 -5.59
C SER A 403 7.61 4.40 -6.30
N ALA A 404 7.93 5.52 -5.65
CA ALA A 404 7.70 6.82 -6.21
C ALA A 404 8.49 6.97 -7.51
N GLU A 405 9.69 6.40 -7.56
CA GLU A 405 10.52 6.53 -8.75
C GLU A 405 9.89 5.81 -9.97
N GLU A 406 9.21 4.69 -9.73
CA GLU A 406 8.60 3.88 -10.79
C GLU A 406 7.20 4.33 -11.23
N MET A 407 6.48 4.94 -10.28
CA MET A 407 5.08 5.23 -10.45
C MET A 407 4.79 6.01 -11.74
N PRO A 408 5.60 7.02 -12.06
CA PRO A 408 5.29 7.78 -13.29
C PRO A 408 5.46 7.02 -14.59
N TYR A 409 6.06 5.82 -14.51
CA TYR A 409 6.32 5.04 -15.73
C TYR A 409 5.57 3.74 -15.79
N LEU A 410 4.64 3.47 -14.88
CA LEU A 410 3.85 2.23 -14.97
C LEU A 410 3.00 2.28 -16.22
N LYS A 411 2.60 1.13 -16.76
CA LYS A 411 1.90 1.11 -18.04
C LYS A 411 0.44 0.86 -17.88
N CYS A 412 -0.36 1.79 -18.43
CA CYS A 412 -1.81 1.79 -18.28
C CYS A 412 -2.41 2.03 -19.64
N PRO A 413 -2.43 1.01 -20.51
CA PRO A 413 -2.86 1.32 -21.85
C PRO A 413 -4.33 1.73 -21.90
N LEU A 414 -4.66 2.54 -22.87
CA LEU A 414 -6.04 2.77 -23.20
C LEU A 414 -6.75 1.45 -23.49
N HIS A 415 -8.04 1.46 -23.22
CA HIS A 415 -8.99 0.41 -23.59
C HIS A 415 -8.68 -0.92 -22.99
N THR A 416 -7.98 -0.87 -21.87
CA THR A 416 -7.56 -2.03 -21.13
C THR A 416 -7.90 -1.91 -19.64
N VAL A 417 -8.64 -2.89 -19.15
CA VAL A 417 -8.98 -3.01 -17.76
C VAL A 417 -7.93 -3.78 -16.96
N LEU A 418 -7.50 -3.19 -15.85
CA LEU A 418 -6.64 -3.85 -14.91
C LEU A 418 -7.48 -4.36 -13.78
N LYS A 419 -7.51 -5.67 -13.64
CA LYS A 419 -8.35 -6.32 -12.65
C LYS A 419 -7.47 -6.72 -11.48
N LEU A 420 -7.73 -6.14 -10.30
CA LEU A 420 -6.91 -6.37 -9.11
C LEU A 420 -7.68 -7.20 -8.13
N THR A 421 -7.01 -8.23 -7.61
CA THR A 421 -7.61 -9.17 -6.70
C THR A 421 -6.68 -9.35 -5.49
N PRO A 422 -7.18 -9.06 -4.28
CA PRO A 422 -6.39 -9.39 -3.11
C PRO A 422 -6.15 -10.88 -2.98
N VAL A 423 -4.89 -11.28 -2.88
CA VAL A 423 -4.50 -12.68 -2.72
C VAL A 423 -3.36 -12.78 -1.74
N ALA A 424 -3.46 -13.70 -0.78
CA ALA A 424 -2.41 -13.87 0.22
C ALA A 424 -2.12 -12.51 0.89
N TYR A 425 -0.87 -12.07 0.84
CA TYR A 425 -0.43 -10.88 1.51
C TYR A 425 -0.44 -9.65 0.58
N GLY A 426 -0.78 -9.85 -0.69
CA GLY A 426 -0.74 -8.75 -1.64
C GLY A 426 -1.86 -8.80 -2.67
N CYS A 427 -1.49 -8.54 -3.93
CA CYS A 427 -2.46 -8.23 -4.97
C CYS A 427 -2.08 -8.82 -6.33
N ARG A 428 -2.95 -9.64 -6.91
CA ARG A 428 -2.78 -10.05 -8.31
C ARG A 428 -3.36 -8.99 -9.25
N VAL A 429 -2.61 -8.64 -10.27
CA VAL A 429 -3.11 -7.80 -11.32
C VAL A 429 -3.24 -8.62 -12.61
N GLU A 430 -4.36 -8.46 -13.27
CA GLU A 430 -4.66 -9.22 -14.46
C GLU A 430 -5.10 -8.22 -15.52
N SER A 431 -4.43 -8.19 -16.66
CA SER A 431 -4.76 -7.20 -17.69
C SER A 431 -5.82 -7.76 -18.60
N ILE A 432 -6.83 -6.97 -18.92
CA ILE A 432 -7.87 -7.41 -19.86
C ILE A 432 -8.16 -6.35 -20.91
N TYR A 433 -7.64 -6.60 -22.12
CA TYR A 433 -7.75 -5.68 -23.25
C TYR A 433 -9.05 -5.95 -23.98
N LEU A 434 -9.77 -4.89 -24.29
CA LEU A 434 -11.14 -5.01 -24.80
C LEU A 434 -11.19 -4.83 -26.34
N ASN A 435 -10.04 -5.02 -26.96
CA ASN A 435 -9.95 -5.21 -28.40
C ASN A 435 -10.57 -4.05 -29.13
N VAL A 436 -10.18 -2.83 -28.76
CA VAL A 436 -10.54 -1.62 -29.52
C VAL A 436 -9.31 -0.73 -29.72
N GLU A 437 -9.00 -0.40 -30.96
CA GLU A 437 -7.75 0.30 -31.22
C GLU A 437 -7.76 1.66 -30.52
N SER A 438 -6.59 2.25 -30.34
CA SER A 438 -6.48 3.50 -29.67
C SER A 438 -5.09 3.93 -30.01
N VAL A 439 -4.76 5.21 -29.85
CA VAL A 439 -3.36 5.61 -29.89
C VAL A 439 -2.71 5.12 -28.61
N CYS A 440 -1.38 5.24 -28.53
CA CYS A 440 -0.58 4.89 -27.37
C CYS A 440 -0.09 6.19 -26.77
N THR A 441 -0.26 6.32 -25.46
CA THR A 441 0.15 7.55 -24.75
C THR A 441 1.27 7.26 -23.77
N HIS A 442 1.83 6.05 -23.84
CA HIS A 442 2.93 5.69 -22.95
C HIS A 442 4.23 6.29 -23.45
N ARG A 443 5.04 6.80 -22.53
CA ARG A 443 6.30 7.45 -22.88
C ARG A 443 7.39 6.96 -21.94
N GLU A 444 8.34 6.22 -22.51
CA GLU A 444 9.33 5.45 -21.75
C GLU A 444 10.25 6.40 -21.03
N ARG A 445 10.90 5.88 -19.99
CA ARG A 445 11.91 6.66 -19.28
C ARG A 445 13.09 6.86 -20.24
N SER A 446 13.36 8.12 -20.62
CA SER A 446 14.38 8.40 -21.63
C SER A 446 15.70 8.88 -21.00
N GLU A 447 16.82 8.44 -21.57
CA GLU A 447 18.14 8.84 -21.08
C GLU A 447 19.18 8.69 -22.17
#